data_4F2V
#
_entry.id   4F2V
#
_cell.length_a   51.447
_cell.length_b   83.591
_cell.length_c   126.617
_cell.angle_alpha   90.000
_cell.angle_beta   90.000
_cell.angle_gamma   90.000
#
_symmetry.space_group_name_H-M   'P 21 21 21'
#
loop_
_entity.id
_entity.type
_entity.pdbx_description
1 polymer 'De novo designed serine hydrolase'
2 non-polymer DODECYL-ALPHA-D-MALTOSIDE
3 non-polymer DI(HYDROXYETHYL)ETHER
4 water water
#
_entity_poly.entity_id   1
_entity_poly.type   'polypeptide(L)'
_entity_poly.pdbx_seq_one_letter_code
;(CXM)KQYLEL(MSE)QKVLDEGTQKNDRTGTGTLSIFGHQ(MSE)RFNLQDGFPLVTTKRCHLRSIIHLLLWFLQGDTN
IAYLHENNVTILDEWADENGDLGPVHGKQWRAWPTPDGRHIDQITTVLNQLKNDPDSRRIIVSAWNVGELDK(MSE)ANA
PSHAFFQFYVADGKLSCQLYARSEDVFLSLPFAIASGALLVH(MSE)(MSE)AQQCDLEVGDFV(MSE)TGGDTHLYSNH
(MSE)DQTHLQLSREPRPLPKLIIKRKPESIFDYRFEDFEIEGYDPHPGIKAPVAILEHHHHHH
;
_entity_poly.pdbx_strand_id   A,B
#
loop_
_chem_comp.id
_chem_comp.type
_chem_comp.name
_chem_comp.formula
LMU D-saccharide DODECYL-ALPHA-D-MALTOSIDE 'C24 H46 O11'
PEG non-polymer DI(HYDROXYETHYL)ETHER 'C4 H10 O3'
#
# COMPACT_ATOMS: atom_id res chain seq x y z
N CXM A 1 0.18 -18.18 12.75
CA CXM A 1 -1.05 -18.37 12.05
CB CXM A 1 -1.68 -17.04 11.80
CG CXM A 1 -2.59 -16.40 12.80
SD CXM A 1 -2.31 -14.68 13.15
CE CXM A 1 -0.57 -14.51 13.14
C CXM A 1 -0.76 -18.92 10.69
O CXM A 1 0.32 -18.68 10.14
CN CXM A 1 0.42 -18.93 13.95
ON1 CXM A 1 -0.60 -18.91 14.86
ON2 CXM A 1 1.61 -18.60 14.58
N LYS A 2 -1.73 -19.62 10.12
CA LYS A 2 -1.62 -20.23 8.82
C LYS A 2 -1.06 -19.28 7.75
N GLN A 3 -1.64 -18.09 7.60
CA GLN A 3 -1.21 -17.17 6.56
C GLN A 3 0.24 -16.81 6.82
N TYR A 4 0.55 -16.58 8.09
CA TYR A 4 1.85 -16.06 8.45
C TYR A 4 2.94 -17.07 8.09
N LEU A 5 2.75 -18.34 8.48
CA LEU A 5 3.69 -19.41 8.16
C LEU A 5 3.85 -19.58 6.66
N GLU A 6 2.74 -19.46 5.94
CA GLU A 6 2.78 -19.55 4.49
C GLU A 6 3.69 -18.50 3.90
N LEU A 7 3.60 -17.28 4.41
CA LEU A 7 4.57 -16.24 4.03
C LEU A 7 6.04 -16.59 4.34
N MSE A 8 6.34 -17.07 5.56
CA MSE A 8 7.70 -17.49 5.87
C MSE A 8 8.16 -18.51 4.81
O MSE A 8 9.27 -18.42 4.26
CB MSE A 8 7.81 -18.18 7.23
CG MSE A 8 7.56 -17.33 8.46
SE MSE A 8 8.42 -18.12 10.08
CE MSE A 8 9.08 -16.47 10.91
N GLN A 9 7.30 -19.49 4.57
CA GLN A 9 7.65 -20.56 3.65
C GLN A 9 7.88 -20.00 2.25
N LYS A 10 7.06 -19.03 1.86
CA LYS A 10 7.18 -18.45 0.53
C LYS A 10 8.49 -17.70 0.39
N VAL A 11 8.88 -16.98 1.45
CA VAL A 11 10.17 -16.28 1.42
C VAL A 11 11.32 -17.28 1.29
N LEU A 12 11.28 -18.35 2.08
CA LEU A 12 12.27 -19.41 1.97
C LEU A 12 12.28 -20.07 0.59
N ASP A 13 11.10 -20.37 0.06
CA ASP A 13 11.00 -21.05 -1.23
C ASP A 13 11.34 -20.15 -2.40
N GLU A 14 11.02 -18.87 -2.33
CA GLU A 14 11.24 -18.07 -3.52
C GLU A 14 11.79 -16.68 -3.32
N GLY A 15 12.24 -16.41 -2.10
CA GLY A 15 12.87 -15.13 -1.80
C GLY A 15 14.16 -14.99 -2.57
N THR A 16 14.54 -13.76 -2.89
CA THR A 16 15.79 -13.51 -3.58
C THR A 16 16.79 -12.85 -2.62
N GLN A 17 18.06 -13.18 -2.79
CA GLN A 17 19.11 -12.51 -2.05
C GLN A 17 19.07 -11.01 -2.30
N LYS A 18 19.02 -10.26 -1.20
CA LYS A 18 19.01 -8.81 -1.25
C LYS A 18 19.60 -8.28 0.03
N ASN A 19 20.52 -7.33 -0.10
CA ASN A 19 21.14 -6.68 1.04
C ASN A 19 20.35 -5.49 1.56
N ASP A 20 20.38 -5.26 2.87
CA ASP A 20 19.91 -3.96 3.38
C ASP A 20 21.02 -2.90 3.42
N ARG A 21 20.74 -1.74 4.01
CA ARG A 21 21.68 -0.63 3.92
C ARG A 21 22.98 -0.85 4.71
N THR A 22 23.01 -1.92 5.50
CA THR A 22 24.17 -2.25 6.34
C THR A 22 25.09 -3.21 5.57
N GLY A 23 24.54 -3.77 4.50
CA GLY A 23 25.24 -4.80 3.74
C GLY A 23 24.85 -6.18 4.22
N THR A 24 23.88 -6.21 5.14
CA THR A 24 23.45 -7.46 5.75
C THR A 24 22.46 -8.16 4.83
N GLY A 25 22.60 -9.48 4.71
CA GLY A 25 21.85 -10.23 3.73
C GLY A 25 20.48 -10.70 4.17
N THR A 26 19.57 -10.77 3.21
CA THR A 26 18.22 -11.29 3.44
C THR A 26 17.76 -12.14 2.26
N LEU A 27 16.71 -12.90 2.52
CA LEU A 27 15.89 -13.44 1.45
C LEU A 27 14.66 -12.55 1.37
N SER A 28 14.40 -11.99 0.21
CA SER A 28 13.35 -10.98 0.10
C SER A 28 12.37 -11.28 -1.03
N ILE A 29 11.12 -10.91 -0.82
CA ILE A 29 10.18 -10.90 -1.91
C ILE A 29 9.50 -9.54 -1.88
N PHE A 30 8.87 -9.18 -2.98
CA PHE A 30 8.29 -7.84 -3.07
C PHE A 30 6.83 -7.98 -3.42
N GLY A 31 5.96 -7.40 -2.59
CA GLY A 31 4.53 -7.54 -2.81
C GLY A 31 3.93 -8.74 -2.12
N HIS A 32 3.19 -8.50 -1.05
CA HIS A 32 2.45 -9.59 -0.41
C HIS A 32 1.28 -9.00 0.31
N GLN A 33 0.22 -9.79 0.43
CA GLN A 33 -0.99 -9.34 1.10
C GLN A 33 -1.65 -10.49 1.84
N MSE A 34 -2.03 -10.26 3.09
CA MSE A 34 -2.84 -11.25 3.78
C MSE A 34 -3.98 -10.62 4.55
O MSE A 34 -3.96 -9.44 4.90
CB MSE A 34 -1.98 -12.16 4.67
CG MSE A 34 -0.87 -11.45 5.36
SE MSE A 34 0.52 -12.64 6.16
CE MSE A 34 1.29 -11.16 7.13
N ARG A 35 -5.00 -11.44 4.79
CA ARG A 35 -6.26 -10.97 5.34
C ARG A 35 -6.58 -11.76 6.60
N PHE A 36 -7.05 -11.09 7.63
CA PHE A 36 -7.43 -11.73 8.88
C PHE A 36 -8.84 -11.30 9.20
N ASN A 37 -9.77 -12.25 9.21
CA ASN A 37 -11.14 -11.95 9.52
C ASN A 37 -11.21 -11.81 11.03
N LEU A 38 -11.36 -10.60 11.53
CA LEU A 38 -11.22 -10.39 12.98
C LEU A 38 -12.36 -10.98 13.80
N GLN A 39 -13.42 -11.45 13.14
CA GLN A 39 -14.49 -12.14 13.86
C GLN A 39 -14.01 -13.53 14.26
N ASP A 40 -13.06 -14.06 13.51
CA ASP A 40 -12.51 -15.39 13.75
C ASP A 40 -11.52 -15.46 14.91
N GLY A 41 -11.10 -14.29 15.40
CA GLY A 41 -10.18 -14.23 16.52
C GLY A 41 -9.09 -13.20 16.29
N PHE A 42 -8.52 -12.69 17.38
CA PHE A 42 -7.44 -11.71 17.32
C PHE A 42 -6.16 -12.38 16.85
N PRO A 43 -5.57 -11.83 15.77
CA PRO A 43 -4.45 -12.45 15.08
C PRO A 43 -3.12 -12.24 15.80
N LEU A 44 -2.99 -12.78 17.01
CA LEU A 44 -1.72 -12.82 17.73
C LEU A 44 -0.98 -14.12 17.46
N VAL A 45 0.20 -14.04 16.84
CA VAL A 45 0.98 -15.21 16.44
C VAL A 45 1.04 -16.24 17.57
N THR A 46 0.73 -17.50 17.27
CA THR A 46 0.73 -18.55 18.29
C THR A 46 1.91 -19.49 18.18
N THR A 47 2.63 -19.48 17.06
CA THR A 47 3.74 -20.42 16.88
C THR A 47 5.02 -20.00 17.59
N LYS A 48 5.07 -18.75 18.07
CA LYS A 48 6.05 -18.31 19.05
C LYS A 48 5.29 -17.42 20.06
N ARG A 49 5.70 -17.42 21.32
CA ARG A 49 5.01 -16.56 22.28
C ARG A 49 5.27 -15.09 21.96
N CYS A 50 4.19 -14.31 21.79
CA CYS A 50 4.31 -12.87 21.68
C CYS A 50 3.68 -12.23 22.90
N HIS A 51 3.87 -10.93 23.06
CA HIS A 51 3.37 -10.24 24.24
C HIS A 51 2.43 -9.09 23.90
N LEU A 52 1.14 -9.31 24.13
CA LEU A 52 0.15 -8.28 23.95
C LEU A 52 0.55 -6.96 24.65
N ARG A 53 1.13 -7.10 25.85
CA ARG A 53 1.60 -5.96 26.63
C ARG A 53 2.45 -5.02 25.77
N SER A 54 3.32 -5.59 24.96
CA SER A 54 4.18 -4.77 24.11
C SER A 54 3.38 -4.08 22.99
N ILE A 55 2.41 -4.81 22.41
CA ILE A 55 1.59 -4.28 21.33
C ILE A 55 0.74 -3.12 21.80
N ILE A 56 0.15 -3.27 22.98
CA ILE A 56 -0.64 -2.21 23.58
C ILE A 56 0.14 -0.92 23.84
N HIS A 57 1.28 -1.00 24.53
CA HIS A 57 2.03 0.21 24.80
C HIS A 57 2.49 0.86 23.53
N LEU A 58 2.94 0.04 22.58
CA LEU A 58 3.43 0.54 21.32
C LEU A 58 2.34 1.35 20.65
N LEU A 59 1.13 0.78 20.65
CA LEU A 59 0.04 1.42 19.92
C LEU A 59 -0.44 2.68 20.65
N LEU A 60 -0.56 2.61 21.98
CA LEU A 60 -0.94 3.81 22.75
C LEU A 60 0.08 4.91 22.54
N TRP A 61 1.33 4.50 22.34
CA TRP A 61 2.41 5.45 22.18
C TRP A 61 2.36 6.10 20.81
N PHE A 62 2.12 5.33 19.76
CA PHE A 62 1.89 5.92 18.43
C PHE A 62 0.72 6.90 18.51
N LEU A 63 -0.36 6.48 19.16
CA LEU A 63 -1.56 7.30 19.26
C LEU A 63 -1.33 8.65 19.90
N GLN A 64 -0.44 8.70 20.89
CA GLN A 64 -0.11 9.97 21.50
C GLN A 64 0.71 10.83 20.55
N GLY A 65 1.45 10.21 19.65
CA GLY A 65 2.39 10.92 18.81
C GLY A 65 3.60 11.42 19.58
N ASP A 66 4.05 10.62 20.54
CA ASP A 66 5.24 10.88 21.34
C ASP A 66 6.43 10.58 20.46
N THR A 67 7.47 11.41 20.54
CA THR A 67 8.62 11.21 19.65
C THR A 67 9.83 10.65 20.38
N ASN A 68 9.70 10.46 21.69
CA ASN A 68 10.81 9.92 22.45
C ASN A 68 10.59 8.50 22.98
N ILE A 69 11.62 7.68 22.81
CA ILE A 69 11.56 6.25 23.09
C ILE A 69 11.38 5.93 24.58
N ALA A 70 11.47 6.94 25.44
CA ALA A 70 11.33 6.81 26.90
C ALA A 70 10.19 5.91 27.33
N TYR A 71 8.97 6.26 26.91
CA TYR A 71 7.77 5.54 27.36
C TYR A 71 7.88 4.08 26.99
N LEU A 72 8.46 3.82 25.83
CA LEU A 72 8.64 2.45 25.35
C LEU A 72 9.66 1.68 26.18
N HIS A 73 10.65 2.37 26.71
CA HIS A 73 11.64 1.70 27.55
C HIS A 73 11.17 1.45 28.97
N GLU A 74 10.38 2.37 29.53
CA GLU A 74 9.70 2.12 30.81
C GLU A 74 8.97 0.78 30.73
N ASN A 75 8.24 0.56 29.65
CA ASN A 75 7.38 -0.62 29.57
C ASN A 75 8.01 -1.75 28.77
N ASN A 76 9.33 -1.75 28.74
CA ASN A 76 10.08 -2.89 28.28
C ASN A 76 9.77 -3.22 26.82
N VAL A 77 9.72 -2.19 25.98
CA VAL A 77 9.45 -2.37 24.56
C VAL A 77 10.64 -1.91 23.74
N THR A 78 11.19 -2.79 22.90
CA THR A 78 12.49 -2.53 22.31
C THR A 78 12.61 -2.64 20.77
N ILE A 79 11.54 -3.00 20.07
CA ILE A 79 11.64 -3.16 18.60
C ILE A 79 12.11 -1.92 17.86
N LEU A 80 12.04 -0.76 18.52
CA LEU A 80 12.43 0.49 17.87
C LEU A 80 13.80 0.98 18.34
N ASP A 81 14.47 0.17 19.15
CA ASP A 81 15.77 0.60 19.68
C ASP A 81 16.78 0.99 18.60
N GLU A 82 16.80 0.28 17.48
CA GLU A 82 17.80 0.54 16.43
C GLU A 82 17.81 1.98 15.95
N TRP A 83 16.63 2.58 15.88
CA TRP A 83 16.44 3.87 15.21
C TRP A 83 16.44 5.01 16.20
N ALA A 84 16.71 4.68 17.47
CA ALA A 84 16.81 5.70 18.50
C ALA A 84 18.23 6.23 18.58
N ASP A 85 18.38 7.54 18.70
CA ASP A 85 19.71 8.13 18.86
C ASP A 85 20.13 8.21 20.32
N GLU A 86 21.31 8.79 20.53
CA GLU A 86 21.89 9.10 21.84
C GLU A 86 20.87 9.45 22.92
N ASN A 87 20.08 10.50 22.70
CA ASN A 87 19.08 10.92 23.69
C ASN A 87 17.69 10.31 23.50
N GLY A 88 17.65 9.18 22.78
CA GLY A 88 16.43 8.42 22.62
C GLY A 88 15.37 9.03 21.71
N ASP A 89 15.79 9.90 20.78
CA ASP A 89 14.83 10.47 19.83
C ASP A 89 14.79 9.65 18.56
N LEU A 90 13.57 9.43 18.08
CA LEU A 90 13.31 8.45 17.04
C LEU A 90 13.26 9.03 15.63
N GLY A 91 13.67 10.30 15.51
CA GLY A 91 13.66 10.99 14.25
C GLY A 91 12.23 11.13 13.77
N PRO A 92 11.95 10.54 12.60
CA PRO A 92 10.59 10.46 12.05
C PRO A 92 9.89 9.12 12.35
N VAL A 93 10.61 8.17 12.95
CA VAL A 93 10.09 6.83 13.21
C VAL A 93 9.20 6.87 14.45
N HIS A 94 7.95 7.27 14.24
CA HIS A 94 6.98 7.43 15.31
C HIS A 94 5.68 7.88 14.70
N GLY A 95 4.76 8.36 15.53
CA GLY A 95 3.43 8.68 15.07
C GLY A 95 2.99 10.12 15.22
N LYS A 96 3.93 11.06 15.29
CA LYS A 96 3.59 12.47 15.38
C LYS A 96 2.70 12.85 14.21
N GLN A 97 3.05 12.38 13.02
CA GLN A 97 2.36 12.73 11.79
C GLN A 97 0.87 12.39 11.80
N TRP A 98 0.53 11.28 12.47
CA TRP A 98 -0.86 10.88 12.64
C TRP A 98 -1.75 11.95 13.24
N ARG A 99 -1.16 12.88 14.01
CA ARG A 99 -1.95 13.75 14.89
C ARG A 99 -1.61 15.19 14.64
N ALA A 100 -0.51 15.39 13.93
CA ALA A 100 0.02 16.72 13.79
C ALA A 100 0.82 16.82 12.51
N TRP A 101 0.22 16.38 11.40
CA TRP A 101 0.81 16.62 10.10
C TRP A 101 0.97 18.12 9.96
N PRO A 102 2.23 18.57 10.00
CA PRO A 102 2.47 20.01 9.90
C PRO A 102 2.26 20.48 8.48
N THR A 103 1.59 21.62 8.35
CA THR A 103 1.47 22.34 7.09
C THR A 103 2.04 23.75 7.27
N PRO A 104 2.95 24.15 6.37
CA PRO A 104 3.71 25.42 6.38
C PRO A 104 2.99 26.66 6.93
N ASP A 105 1.65 26.68 6.92
CA ASP A 105 0.89 27.86 7.29
C ASP A 105 0.64 27.99 8.80
N GLY A 106 1.58 27.47 9.60
CA GLY A 106 1.45 27.48 11.05
C GLY A 106 0.40 26.51 11.54
N ARG A 107 0.07 25.54 10.69
CA ARG A 107 -1.10 24.69 10.88
C ARG A 107 -0.70 23.25 11.21
N HIS A 108 -1.64 22.47 11.73
CA HIS A 108 -1.42 21.05 11.96
C HIS A 108 -2.70 20.30 11.73
N ILE A 109 -2.60 19.15 11.06
CA ILE A 109 -3.75 18.34 10.74
C ILE A 109 -3.72 17.08 11.58
N ASP A 110 -4.80 16.86 12.33
CA ASP A 110 -4.99 15.65 13.14
C ASP A 110 -5.72 14.58 12.33
N GLN A 111 -4.95 13.67 11.73
CA GLN A 111 -5.50 12.65 10.85
C GLN A 111 -6.41 11.66 11.55
N ILE A 112 -6.04 11.28 12.76
CA ILE A 112 -6.83 10.33 13.54
C ILE A 112 -8.23 10.84 13.86
N THR A 113 -8.30 12.08 14.32
CA THR A 113 -9.58 12.76 14.53
C THR A 113 -10.41 12.83 13.25
N THR A 114 -9.73 13.03 12.12
CA THR A 114 -10.40 13.10 10.83
C THR A 114 -11.01 11.76 10.42
N VAL A 115 -10.27 10.66 10.56
CA VAL A 115 -10.88 9.37 10.21
C VAL A 115 -12.06 9.07 11.14
N LEU A 116 -11.94 9.52 12.39
CA LEU A 116 -12.95 9.25 13.43
C LEU A 116 -14.26 9.84 13.01
N ASN A 117 -14.24 11.10 12.60
CA ASN A 117 -15.43 11.78 12.11
C ASN A 117 -15.96 11.14 10.83
N GLN A 118 -15.03 10.74 9.96
CA GLN A 118 -15.39 10.15 8.69
C GLN A 118 -16.14 8.87 8.93
N LEU A 119 -15.65 8.07 9.86
CA LEU A 119 -16.31 6.79 10.15
C LEU A 119 -17.71 7.00 10.75
N LYS A 120 -17.88 8.05 11.52
CA LYS A 120 -19.21 8.34 12.07
C LYS A 120 -20.12 9.05 11.08
N ASN A 121 -19.60 10.06 10.39
CA ASN A 121 -20.44 10.87 9.52
C ASN A 121 -20.44 10.50 8.03
N ASP A 122 -19.35 9.96 7.50
CA ASP A 122 -19.35 9.48 6.11
C ASP A 122 -18.66 8.13 5.96
N PRO A 123 -19.24 7.08 6.54
CA PRO A 123 -18.58 5.76 6.61
C PRO A 123 -18.26 5.15 5.24
N ASP A 124 -18.84 5.71 4.18
CA ASP A 124 -18.63 5.22 2.82
C ASP A 124 -17.54 5.96 2.06
N SER A 125 -17.01 7.00 2.69
CA SER A 125 -15.88 7.70 2.08
C SER A 125 -14.81 6.72 1.60
N ARG A 126 -14.38 6.94 0.37
CA ARG A 126 -13.33 6.13 -0.21
C ARG A 126 -11.96 6.71 0.10
N ARG A 127 -11.89 7.62 1.06
CA ARG A 127 -10.59 8.17 1.48
C ARG A 127 -10.43 8.34 3.00
N ILE A 128 -10.88 7.34 3.76
CA ILE A 128 -10.61 7.33 5.19
C ILE A 128 -9.19 6.82 5.38
N ILE A 129 -8.25 7.76 5.41
CA ILE A 129 -6.84 7.38 5.28
C ILE A 129 -5.95 8.07 6.30
N VAL A 130 -4.99 7.32 6.86
CA VAL A 130 -3.90 7.91 7.63
C VAL A 130 -2.51 7.65 7.02
N SER A 131 -1.74 8.70 6.84
CA SER A 131 -0.42 8.55 6.26
C SER A 131 0.65 9.20 7.13
N ALA A 132 1.75 8.52 7.37
CA ALA A 132 2.87 9.19 8.02
C ALA A 132 3.92 9.58 7.00
N TRP A 133 3.64 9.32 5.73
CA TRP A 133 4.65 9.52 4.70
C TRP A 133 4.72 10.98 4.20
N ASN A 134 5.15 11.87 5.08
CA ASN A 134 5.26 13.29 4.77
C ASN A 134 6.54 13.60 4.00
N VAL A 135 6.44 13.53 2.67
CA VAL A 135 7.61 13.65 1.80
C VAL A 135 8.41 14.89 2.13
N GLY A 136 7.71 15.99 2.37
CA GLY A 136 8.36 17.26 2.64
C GLY A 136 9.33 17.21 3.80
N GLU A 137 9.02 16.37 4.79
CA GLU A 137 9.88 16.28 5.97
C GLU A 137 10.88 15.14 5.87
N LEU A 138 10.47 14.02 5.25
CA LEU A 138 11.33 12.84 5.12
C LEU A 138 12.54 13.03 4.19
N ASP A 139 12.52 14.08 3.38
CA ASP A 139 13.45 14.22 2.25
C ASP A 139 14.94 14.10 2.61
N LYS A 140 15.42 15.06 3.38
CA LYS A 140 16.81 15.01 3.83
C LYS A 140 16.87 14.41 5.24
N MSE A 141 16.43 13.16 5.36
CA MSE A 141 16.46 12.46 6.63
C MSE A 141 16.99 11.03 6.51
O MSE A 141 16.55 10.26 5.66
CB MSE A 141 15.07 12.45 7.30
CG MSE A 141 14.81 13.66 8.19
SE MSE A 141 14.37 13.13 10.02
CE MSE A 141 16.14 12.48 10.59
N ALA A 142 17.95 10.71 7.36
CA ALA A 142 18.55 9.39 7.39
C ALA A 142 17.50 8.28 7.54
N ASN A 143 16.56 8.46 8.47
CA ASN A 143 15.55 7.43 8.73
C ASN A 143 14.17 7.80 8.20
N ALA A 144 13.26 6.83 8.21
CA ALA A 144 11.91 7.00 7.67
C ALA A 144 11.01 5.92 8.25
N PRO A 145 9.76 6.27 8.59
CA PRO A 145 8.84 5.29 9.16
C PRO A 145 8.60 4.18 8.14
N SER A 146 8.10 3.06 8.59
CA SER A 146 7.97 1.97 7.66
C SER A 146 6.54 1.43 7.51
N HIS A 147 5.65 1.79 8.42
CA HIS A 147 4.25 1.35 8.30
C HIS A 147 3.48 2.64 8.13
N ALA A 148 3.80 3.34 7.05
CA ALA A 148 3.47 4.75 6.97
C ALA A 148 2.17 5.07 6.24
N PHE A 149 1.35 4.08 5.99
CA PHE A 149 0.08 4.32 5.33
C PHE A 149 -0.99 3.28 5.72
N PHE A 150 -2.13 3.73 6.23
CA PHE A 150 -3.29 2.86 6.38
C PHE A 150 -4.64 3.47 5.96
N GLN A 151 -5.54 2.59 5.54
CA GLN A 151 -6.86 2.94 5.01
C GLN A 151 -7.96 2.16 5.71
N PHE A 152 -9.06 2.84 6.05
CA PHE A 152 -10.22 2.17 6.64
C PHE A 152 -11.34 2.04 5.63
N TYR A 153 -12.29 1.17 5.93
CA TYR A 153 -13.41 0.90 5.05
C TYR A 153 -14.54 0.27 5.83
N VAL A 154 -15.77 0.63 5.48
CA VAL A 154 -16.93 0.22 6.23
C VAL A 154 -17.95 -0.38 5.29
N ALA A 155 -18.35 -1.61 5.59
CA ALA A 155 -19.38 -2.30 4.84
C ALA A 155 -20.20 -3.13 5.83
N ASP A 156 -21.51 -3.11 5.67
CA ASP A 156 -22.44 -3.87 6.51
C ASP A 156 -22.18 -3.75 8.01
N GLY A 157 -21.83 -2.56 8.48
CA GLY A 157 -21.59 -2.36 9.89
C GLY A 157 -20.23 -2.80 10.41
N LYS A 158 -19.42 -3.40 9.54
CA LYS A 158 -18.09 -3.86 9.97
C LYS A 158 -16.98 -2.92 9.50
N LEU A 159 -15.99 -2.73 10.36
CA LEU A 159 -14.87 -1.86 10.08
C LEU A 159 -13.69 -2.71 9.64
N SER A 160 -13.11 -2.37 8.49
CA SER A 160 -11.93 -3.04 7.96
C SER A 160 -10.77 -2.05 7.85
N CYS A 161 -9.55 -2.59 7.80
CA CYS A 161 -8.38 -1.74 7.68
C CYS A 161 -7.27 -2.41 6.90
N GLN A 162 -6.53 -1.61 6.14
CA GLN A 162 -5.41 -2.14 5.39
C GLN A 162 -4.17 -1.32 5.67
N LEU A 163 -3.07 -2.00 5.97
CA LEU A 163 -1.83 -1.36 6.39
C LEU A 163 -0.82 -1.68 5.36
N TYR A 164 -0.15 -0.68 4.85
CA TYR A 164 0.95 -0.92 3.94
C TYR A 164 2.28 -0.73 4.64
N ALA A 165 3.13 -1.74 4.59
CA ALA A 165 4.53 -1.57 5.02
C ALA A 165 5.51 -1.59 3.85
N ARG A 166 6.31 -0.55 3.72
CA ARG A 166 7.32 -0.53 2.67
C ARG A 166 8.45 -1.53 2.96
N SER A 167 8.64 -1.85 4.23
CA SER A 167 9.71 -2.75 4.62
C SER A 167 9.18 -3.58 5.76
N GLU A 168 9.34 -4.88 5.70
CA GLU A 168 8.83 -5.75 6.75
C GLU A 168 9.74 -6.94 6.99
N ASP A 169 10.22 -7.05 8.23
CA ASP A 169 11.00 -8.21 8.64
C ASP A 169 9.99 -9.27 9.08
N VAL A 170 9.84 -10.34 8.29
CA VAL A 170 8.81 -11.33 8.57
C VAL A 170 8.90 -11.90 10.00
N PHE A 171 10.12 -12.14 10.46
CA PHE A 171 10.28 -12.75 11.76
C PHE A 171 10.14 -11.75 12.89
N LEU A 172 10.78 -10.59 12.74
CA LEU A 172 10.88 -9.59 13.80
C LEU A 172 9.66 -8.67 14.00
N SER A 173 9.25 -7.95 12.95
CA SER A 173 8.27 -6.90 13.10
C SER A 173 6.86 -7.26 12.64
N LEU A 174 6.75 -8.22 11.72
CA LEU A 174 5.46 -8.54 11.14
C LEU A 174 4.40 -8.93 12.18
N PRO A 175 4.78 -9.78 13.15
CA PRO A 175 3.79 -10.12 14.19
C PRO A 175 3.29 -8.93 15.00
N PHE A 176 4.20 -8.00 15.33
CA PHE A 176 3.85 -6.72 15.95
C PHE A 176 2.88 -5.92 15.07
N ALA A 177 3.22 -5.81 13.78
CA ALA A 177 2.40 -5.05 12.85
C ALA A 177 0.97 -5.59 12.80
N ILE A 178 0.83 -6.89 12.67
CA ILE A 178 -0.47 -7.51 12.58
C ILE A 178 -1.33 -7.29 13.81
N ALA A 179 -0.74 -7.48 14.99
CA ALA A 179 -1.53 -7.35 16.21
C ALA A 179 -1.87 -5.88 16.42
N SER A 180 -0.94 -5.00 16.05
CA SER A 180 -1.10 -3.56 16.27
C SER A 180 -2.24 -3.02 15.42
N GLY A 181 -2.22 -3.35 14.13
CA GLY A 181 -3.36 -3.06 13.28
C GLY A 181 -4.68 -3.65 13.78
N ALA A 182 -4.67 -4.91 14.19
CA ALA A 182 -5.87 -5.55 14.68
C ALA A 182 -6.43 -4.83 15.91
N LEU A 183 -5.53 -4.39 16.78
CA LEU A 183 -5.90 -3.74 18.02
C LEU A 183 -6.58 -2.39 17.72
N LEU A 184 -6.03 -1.66 16.77
CA LEU A 184 -6.55 -0.35 16.41
C LEU A 184 -7.96 -0.48 15.86
N VAL A 185 -8.18 -1.53 15.08
CA VAL A 185 -9.48 -1.75 14.50
C VAL A 185 -10.52 -1.99 15.58
N HIS A 186 -10.15 -2.74 16.62
CA HIS A 186 -11.06 -2.94 17.75
C HIS A 186 -11.37 -1.65 18.47
N MSE A 187 -10.36 -0.81 18.64
CA MSE A 187 -10.53 0.45 19.33
C MSE A 187 -11.33 1.41 18.46
O MSE A 187 -12.25 2.06 18.96
CB MSE A 187 -9.17 1.07 19.66
CG MSE A 187 -8.32 0.22 20.59
SE MSE A 187 -6.42 0.79 20.70
CE MSE A 187 -6.61 2.52 21.58
N MSE A 188 -10.98 1.51 17.19
CA MSE A 188 -11.75 2.33 16.28
C MSE A 188 -13.23 1.90 16.29
O MSE A 188 -14.12 2.71 16.48
CB MSE A 188 -11.18 2.27 14.85
CG MSE A 188 -9.87 3.04 14.61
SE MSE A 188 -10.04 4.95 15.05
CE MSE A 188 -11.73 5.15 14.17
N ALA A 189 -13.47 0.61 16.12
CA ALA A 189 -14.84 0.11 16.00
C ALA A 189 -15.66 0.35 17.28
N GLN A 190 -15.03 0.23 18.44
CA GLN A 190 -15.69 0.54 19.69
C GLN A 190 -16.10 2.01 19.74
N GLN A 191 -15.18 2.88 19.35
CA GLN A 191 -15.42 4.32 19.40
C GLN A 191 -16.51 4.75 18.43
N CYS A 192 -16.70 3.98 17.38
CA CYS A 192 -17.63 4.34 16.32
C CYS A 192 -18.83 3.41 16.25
N ASP A 193 -18.98 2.53 17.26
CA ASP A 193 -20.09 1.59 17.34
C ASP A 193 -20.24 0.77 16.06
N LEU A 194 -19.12 0.37 15.49
CA LEU A 194 -19.11 -0.59 14.40
C LEU A 194 -18.67 -1.95 14.96
N GLU A 195 -18.97 -3.02 14.21
CA GLU A 195 -18.40 -4.30 14.53
C GLU A 195 -17.09 -4.37 13.78
N VAL A 196 -16.30 -5.41 14.03
CA VAL A 196 -15.01 -5.55 13.37
C VAL A 196 -15.05 -6.43 12.10
N GLY A 197 -14.37 -5.99 11.05
CA GLY A 197 -14.30 -6.72 9.81
C GLY A 197 -12.95 -7.36 9.63
N ASP A 198 -12.32 -7.11 8.49
CA ASP A 198 -11.00 -7.66 8.18
C ASP A 198 -9.89 -6.70 8.52
N PHE A 199 -8.75 -7.29 8.86
CA PHE A 199 -7.52 -6.55 8.84
C PHE A 199 -6.63 -7.07 7.67
N VAL A 200 -6.31 -6.18 6.73
CA VAL A 200 -5.52 -6.57 5.58
C VAL A 200 -4.08 -6.01 5.69
N MSE A 201 -3.11 -6.88 5.56
CA MSE A 201 -1.70 -6.52 5.80
C MSE A 201 -0.92 -6.61 4.50
O MSE A 201 -0.79 -7.68 3.90
CB MSE A 201 -1.13 -7.47 6.86
CG MSE A 201 0.29 -7.20 7.29
SE MSE A 201 0.75 -5.46 8.11
CE MSE A 201 0.03 -5.75 9.82
N THR A 202 -0.40 -5.48 4.05
CA THR A 202 0.22 -5.41 2.71
C THR A 202 1.66 -5.01 2.83
N GLY A 203 2.52 -5.74 2.11
CA GLY A 203 3.95 -5.48 2.14
C GLY A 203 4.58 -5.04 0.82
N GLY A 204 5.55 -4.13 0.94
CA GLY A 204 6.57 -3.93 -0.08
C GLY A 204 7.68 -4.98 0.02
N ASP A 205 8.88 -4.55 0.43
CA ASP A 205 10.02 -5.45 0.69
C ASP A 205 9.80 -6.31 1.94
N THR A 206 9.38 -7.54 1.72
CA THR A 206 9.07 -8.47 2.78
C THR A 206 10.20 -9.49 2.85
N HIS A 207 10.88 -9.58 3.98
CA HIS A 207 12.15 -10.31 4.00
C HIS A 207 12.47 -11.01 5.32
N LEU A 208 13.26 -12.09 5.22
CA LEU A 208 13.85 -12.73 6.39
C LEU A 208 15.35 -12.55 6.32
N TYR A 209 15.92 -12.09 7.42
CA TYR A 209 17.35 -11.99 7.54
C TYR A 209 18.05 -13.36 7.49
N SER A 210 19.20 -13.39 6.85
CA SER A 210 19.85 -14.66 6.60
C SER A 210 20.22 -15.33 7.92
N ASN A 211 20.61 -14.56 8.90
CA ASN A 211 20.95 -15.20 10.17
C ASN A 211 19.78 -15.58 11.09
N HIS A 212 18.55 -15.54 10.55
CA HIS A 212 17.37 -16.04 11.28
C HIS A 212 16.88 -17.35 10.74
N MSE A 213 17.72 -18.03 9.96
CA MSE A 213 17.38 -19.36 9.44
C MSE A 213 16.95 -20.36 10.50
O MSE A 213 15.94 -21.03 10.35
CB MSE A 213 18.52 -19.92 8.61
CG MSE A 213 18.66 -19.27 7.24
SE MSE A 213 16.99 -19.31 6.17
CE MSE A 213 16.32 -17.45 6.43
N ASP A 214 17.71 -20.47 11.59
CA ASP A 214 17.39 -21.43 12.65
C ASP A 214 16.05 -21.13 13.33
N GLN A 215 15.80 -19.85 13.58
CA GLN A 215 14.55 -19.42 14.19
C GLN A 215 13.37 -19.73 13.29
N THR A 216 13.54 -19.50 12.00
CA THR A 216 12.48 -19.72 11.04
C THR A 216 12.10 -21.20 10.92
N HIS A 217 13.12 -22.07 10.86
CA HIS A 217 12.86 -23.49 10.71
C HIS A 217 12.17 -24.06 11.91
N LEU A 218 12.54 -23.60 13.10
CA LEU A 218 11.88 -24.05 14.31
C LEU A 218 10.41 -23.64 14.26
N GLN A 219 10.15 -22.39 13.90
CA GLN A 219 8.78 -21.91 13.94
C GLN A 219 7.91 -22.62 12.92
N LEU A 220 8.49 -22.94 11.78
CA LEU A 220 7.76 -23.62 10.72
C LEU A 220 7.52 -25.06 11.06
N SER A 221 8.18 -25.55 12.10
CA SER A 221 8.02 -26.93 12.52
C SER A 221 6.79 -27.10 13.43
N ARG A 222 6.20 -25.99 13.85
CA ARG A 222 5.13 -25.97 14.85
C ARG A 222 3.71 -25.71 14.30
N GLU A 223 2.72 -26.44 14.81
CA GLU A 223 1.34 -26.23 14.38
C GLU A 223 0.70 -25.00 15.03
N PRO A 224 0.09 -24.11 14.22
CA PRO A 224 -0.65 -22.97 14.76
C PRO A 224 -1.74 -23.44 15.70
N ARG A 225 -1.94 -22.71 16.79
CA ARG A 225 -2.97 -23.03 17.76
C ARG A 225 -4.17 -22.12 17.46
N PRO A 226 -5.35 -22.40 18.04
CA PRO A 226 -6.51 -21.49 17.85
C PRO A 226 -6.22 -20.05 18.26
N LEU A 227 -6.68 -19.07 17.49
CA LEU A 227 -6.48 -17.65 17.81
C LEU A 227 -7.14 -17.31 19.12
N PRO A 228 -6.53 -16.40 19.89
CA PRO A 228 -7.21 -15.92 21.10
C PRO A 228 -8.29 -14.91 20.75
N LYS A 229 -8.87 -14.27 21.78
CA LYS A 229 -9.89 -13.24 21.61
C LYS A 229 -9.54 -12.05 22.46
N LEU A 230 -9.73 -10.86 21.92
CA LEU A 230 -9.43 -9.62 22.64
C LEU A 230 -10.65 -9.20 23.42
N ILE A 231 -10.45 -8.80 24.68
CA ILE A 231 -11.50 -8.28 25.55
C ILE A 231 -11.17 -6.85 25.93
N ILE A 232 -12.06 -5.91 25.64
CA ILE A 232 -11.91 -4.55 26.16
C ILE A 232 -12.86 -4.31 27.33
N LYS A 233 -12.33 -3.96 28.50
CA LYS A 233 -13.13 -3.92 29.72
C LYS A 233 -13.61 -2.53 30.08
N ARG A 234 -13.37 -1.56 29.21
CA ARG A 234 -13.91 -0.24 29.47
C ARG A 234 -14.22 0.41 28.14
N LYS A 235 -15.21 1.29 28.08
CA LYS A 235 -15.37 2.16 26.92
C LYS A 235 -14.93 3.58 27.24
N PRO A 236 -13.73 3.98 26.78
CA PRO A 236 -13.24 5.36 27.04
C PRO A 236 -14.00 6.43 26.24
N GLU A 237 -13.75 7.68 26.59
CA GLU A 237 -14.48 8.80 26.06
C GLU A 237 -14.00 9.14 24.65
N SER A 238 -12.79 8.71 24.32
CA SER A 238 -12.26 9.00 23.01
C SER A 238 -11.11 8.07 22.68
N ILE A 239 -10.81 7.95 21.40
CA ILE A 239 -9.72 7.10 20.92
C ILE A 239 -8.39 7.33 21.65
N PHE A 240 -8.21 8.50 22.25
CA PHE A 240 -6.95 8.83 22.88
C PHE A 240 -6.91 8.53 24.35
N ASP A 241 -7.99 7.97 24.88
CA ASP A 241 -8.11 7.82 26.32
C ASP A 241 -7.95 6.38 26.80
N TYR A 242 -7.34 5.52 25.99
CA TYR A 242 -7.19 4.14 26.41
C TYR A 242 -5.99 3.89 27.31
N ARG A 243 -6.11 2.89 28.17
CA ARG A 243 -5.08 2.54 29.13
C ARG A 243 -4.71 1.07 29.00
N PHE A 244 -3.50 0.73 29.42
CA PHE A 244 -3.02 -0.64 29.29
C PHE A 244 -4.00 -1.66 29.89
N GLU A 245 -4.63 -1.26 31.01
CA GLU A 245 -5.51 -2.12 31.78
C GLU A 245 -6.85 -2.45 31.12
N ASP A 246 -7.21 -1.73 30.07
CA ASP A 246 -8.50 -1.96 29.42
C ASP A 246 -8.51 -3.28 28.67
N PHE A 247 -7.33 -3.81 28.37
CA PHE A 247 -7.26 -4.94 27.47
C PHE A 247 -6.92 -6.27 28.14
N GLU A 248 -7.53 -7.32 27.63
CA GLU A 248 -7.11 -8.67 27.99
C GLU A 248 -7.22 -9.56 26.76
N ILE A 249 -6.32 -10.53 26.70
CA ILE A 249 -6.36 -11.52 25.65
C ILE A 249 -6.82 -12.80 26.31
N GLU A 250 -7.76 -13.47 25.67
CA GLU A 250 -8.33 -14.67 26.23
C GLU A 250 -8.05 -15.86 25.31
N GLY A 251 -7.66 -16.99 25.88
CA GLY A 251 -7.45 -18.21 25.14
C GLY A 251 -6.19 -18.16 24.31
N TYR A 252 -5.15 -17.56 24.86
CA TYR A 252 -3.87 -17.47 24.18
C TYR A 252 -2.92 -18.56 24.71
N ASP A 253 -2.71 -19.60 23.90
CA ASP A 253 -1.89 -20.74 24.26
C ASP A 253 -0.73 -20.94 23.29
N PRO A 254 0.28 -20.06 23.35
CA PRO A 254 1.28 -20.10 22.27
C PRO A 254 2.33 -21.17 22.47
N HIS A 255 3.15 -21.42 21.45
CA HIS A 255 4.34 -22.23 21.58
C HIS A 255 5.37 -21.40 22.34
N PRO A 256 6.46 -22.02 22.80
CA PRO A 256 7.44 -21.20 23.53
C PRO A 256 7.99 -20.04 22.70
N GLY A 257 8.60 -19.08 23.36
CA GLY A 257 9.18 -17.96 22.63
C GLY A 257 10.42 -18.38 21.85
N ILE A 258 10.72 -17.62 20.80
CA ILE A 258 11.95 -17.81 20.05
C ILE A 258 12.69 -16.46 20.03
N LYS A 259 13.83 -16.37 20.69
CA LYS A 259 14.60 -15.12 20.73
C LYS A 259 15.27 -14.85 19.39
N ALA A 260 15.27 -13.59 18.97
CA ALA A 260 16.15 -13.11 17.90
C ALA A 260 17.60 -13.23 18.31
N PRO A 261 18.48 -13.69 17.39
CA PRO A 261 19.90 -13.91 17.70
C PRO A 261 20.68 -12.60 17.89
N VAL A 262 21.79 -12.69 18.64
CA VAL A 262 22.71 -11.57 18.96
C VAL A 262 22.32 -10.19 18.45
N CXM B 1 -7.36 -10.45 -18.70
CA CXM B 1 -6.26 -11.24 -18.20
CB CXM B 1 -5.23 -10.36 -17.58
CG CXM B 1 -4.17 -9.86 -18.50
SD CXM B 1 -3.48 -8.30 -18.08
CE CXM B 1 -4.62 -7.46 -17.05
C CXM B 1 -6.87 -12.08 -17.12
O CXM B 1 -7.85 -11.67 -16.52
CN CXM B 1 -7.24 -9.99 -20.06
ON1 CXM B 1 -6.39 -10.73 -20.83
ON2 CXM B 1 -8.47 -9.75 -20.65
N LYS B 2 -6.28 -13.25 -16.88
CA LYS B 2 -6.90 -14.22 -15.98
C LYS B 2 -7.09 -13.62 -14.60
N GLN B 3 -6.07 -12.92 -14.13
CA GLN B 3 -6.13 -12.29 -12.81
C GLN B 3 -7.14 -11.16 -12.72
N TYR B 4 -7.23 -10.37 -13.80
CA TYR B 4 -8.19 -9.28 -13.87
C TYR B 4 -9.61 -9.85 -13.84
N LEU B 5 -9.81 -10.92 -14.59
CA LEU B 5 -11.10 -11.56 -14.66
C LEU B 5 -11.49 -12.15 -13.31
N GLU B 6 -10.52 -12.71 -12.58
CA GLU B 6 -10.81 -13.33 -11.30
C GLU B 6 -11.32 -12.30 -10.32
N LEU B 7 -10.69 -11.12 -10.33
CA LEU B 7 -11.12 -10.01 -9.50
C LEU B 7 -12.51 -9.50 -9.85
N MSE B 8 -12.76 -9.36 -11.14
CA MSE B 8 -14.04 -8.92 -11.63
C MSE B 8 -15.11 -9.89 -11.17
O MSE B 8 -16.16 -9.48 -10.68
CB MSE B 8 -14.02 -8.87 -13.15
CG MSE B 8 -14.36 -7.52 -13.71
SE MSE B 8 -14.85 -7.65 -15.61
CE MSE B 8 -15.38 -5.80 -15.92
N GLN B 9 -14.82 -11.18 -11.30
CA GLN B 9 -15.76 -12.21 -10.85
C GLN B 9 -15.98 -12.10 -9.35
N LYS B 10 -14.89 -11.84 -8.62
CA LYS B 10 -14.93 -11.76 -7.17
C LYS B 10 -15.83 -10.63 -6.68
N VAL B 11 -15.68 -9.46 -7.29
CA VAL B 11 -16.54 -8.35 -6.89
C VAL B 11 -18.02 -8.61 -7.18
N LEU B 12 -18.31 -9.24 -8.32
CA LEU B 12 -19.65 -9.71 -8.63
C LEU B 12 -20.18 -10.70 -7.57
N ASP B 13 -19.34 -11.66 -7.21
CA ASP B 13 -19.69 -12.70 -6.25
C ASP B 13 -19.77 -12.24 -4.79
N GLU B 14 -18.85 -11.38 -4.38
CA GLU B 14 -18.75 -11.10 -2.96
C GLU B 14 -18.86 -9.63 -2.64
N GLY B 15 -19.03 -8.81 -3.67
CA GLY B 15 -19.14 -7.38 -3.44
C GLY B 15 -20.33 -6.98 -2.57
N THR B 16 -20.14 -6.02 -1.68
CA THR B 16 -21.23 -5.49 -0.88
C THR B 16 -21.90 -4.35 -1.63
N GLN B 17 -23.23 -4.32 -1.60
CA GLN B 17 -23.98 -3.28 -2.26
C GLN B 17 -23.77 -1.97 -1.54
N LYS B 18 -23.53 -0.91 -2.29
CA LYS B 18 -23.44 0.43 -1.71
C LYS B 18 -24.24 1.39 -2.59
N ASN B 19 -24.34 2.63 -2.13
CA ASN B 19 -25.14 3.62 -2.83
C ASN B 19 -24.72 5.05 -2.51
N GLY B 23 -28.99 8.18 -6.05
CA GLY B 23 -27.59 7.95 -5.74
C GLY B 23 -27.01 6.71 -6.39
N THR B 24 -25.74 6.82 -6.83
CA THR B 24 -25.12 5.76 -7.61
C THR B 24 -24.73 4.57 -6.76
N GLY B 25 -24.98 3.37 -7.28
CA GLY B 25 -24.71 2.16 -6.54
C GLY B 25 -23.48 1.43 -7.04
N THR B 26 -22.85 0.69 -6.12
CA THR B 26 -21.67 -0.07 -6.44
C THR B 26 -21.73 -1.45 -5.76
N LEU B 27 -20.99 -2.41 -6.28
CA LEU B 27 -20.66 -3.58 -5.50
C LEU B 27 -19.22 -3.36 -5.13
N SER B 28 -18.81 -3.72 -3.92
CA SER B 28 -17.42 -3.45 -3.56
C SER B 28 -16.81 -4.44 -2.58
N ILE B 29 -15.49 -4.57 -2.66
CA ILE B 29 -14.73 -5.34 -1.71
C ILE B 29 -13.56 -4.47 -1.31
N PHE B 30 -12.89 -4.87 -0.24
CA PHE B 30 -11.78 -4.09 0.30
C PHE B 30 -10.52 -4.95 0.37
N GLY B 31 -9.52 -4.57 -0.42
CA GLY B 31 -8.23 -5.24 -0.40
C GLY B 31 -8.12 -6.29 -1.48
N HIS B 32 -7.24 -6.03 -2.46
N HIS B 32 -7.24 -6.04 -2.45
CA HIS B 32 -6.93 -6.98 -3.50
CA HIS B 32 -6.89 -7.06 -3.43
C HIS B 32 -5.46 -6.77 -3.85
C HIS B 32 -5.47 -6.76 -3.88
N GLN B 33 -4.82 -7.78 -4.41
CA GLN B 33 -3.47 -7.63 -4.90
C GLN B 33 -3.30 -8.58 -6.06
N MSE B 34 -2.78 -8.07 -7.16
CA MSE B 34 -2.42 -8.97 -8.24
C MSE B 34 -1.03 -8.68 -8.80
O MSE B 34 -0.53 -7.56 -8.68
CB MSE B 34 -3.49 -8.98 -9.31
CG MSE B 34 -3.93 -7.63 -9.74
SE MSE B 34 -5.55 -7.76 -10.82
CE MSE B 34 -5.71 -5.88 -11.23
N ARG B 35 -0.42 -9.69 -9.40
CA ARG B 35 0.98 -9.61 -9.79
C ARG B 35 1.17 -9.91 -11.27
N PHE B 36 2.00 -9.13 -11.94
CA PHE B 36 2.31 -9.41 -13.34
C PHE B 36 3.81 -9.49 -13.57
N ASN B 37 4.31 -10.67 -13.92
CA ASN B 37 5.69 -10.77 -14.35
C ASN B 37 5.77 -10.11 -15.71
N LEU B 38 6.53 -9.03 -15.81
CA LEU B 38 6.56 -8.25 -17.03
C LEU B 38 7.33 -8.94 -18.15
N GLN B 39 8.11 -9.95 -17.79
CA GLN B 39 8.81 -10.75 -18.77
C GLN B 39 7.85 -11.77 -19.41
N ASP B 40 6.66 -11.92 -18.85
CA ASP B 40 5.64 -12.78 -19.45
C ASP B 40 4.75 -12.05 -20.46
N GLY B 41 5.08 -10.81 -20.79
CA GLY B 41 4.24 -10.03 -21.68
C GLY B 41 3.74 -8.76 -21.04
N PHE B 42 3.34 -7.81 -21.87
CA PHE B 42 2.83 -6.54 -21.38
C PHE B 42 1.36 -6.67 -20.99
N PRO B 43 1.02 -6.29 -19.77
CA PRO B 43 -0.33 -6.56 -19.28
C PRO B 43 -1.40 -5.58 -19.80
N LEU B 44 -1.59 -5.51 -21.11
CA LEU B 44 -2.73 -4.79 -21.68
C LEU B 44 -3.91 -5.76 -21.74
N VAL B 45 -5.02 -5.37 -21.11
CA VAL B 45 -6.25 -6.16 -21.12
C VAL B 45 -6.67 -6.58 -22.53
N THR B 46 -7.12 -7.83 -22.69
CA THR B 46 -7.43 -8.38 -24.01
C THR B 46 -8.90 -8.73 -24.15
N THR B 47 -9.62 -8.80 -23.03
CA THR B 47 -11.03 -9.21 -23.06
C THR B 47 -11.88 -8.03 -23.46
N LYS B 48 -11.25 -6.88 -23.57
CA LYS B 48 -11.81 -5.73 -24.26
C LYS B 48 -10.63 -4.95 -24.84
N ARG B 49 -10.82 -4.35 -26.02
CA ARG B 49 -9.77 -3.58 -26.64
C ARG B 49 -9.50 -2.33 -25.84
N CYS B 50 -8.24 -2.11 -25.47
CA CYS B 50 -7.80 -0.86 -24.88
C CYS B 50 -6.86 -0.16 -25.86
N HIS B 51 -6.57 1.10 -25.60
CA HIS B 51 -5.70 1.80 -26.53
C HIS B 51 -4.48 2.32 -25.80
N LEU B 52 -3.35 1.75 -26.19
CA LEU B 52 -2.07 2.10 -25.59
C LEU B 52 -1.85 3.60 -25.80
N ARG B 53 -2.41 4.13 -26.89
CA ARG B 53 -2.30 5.54 -27.21
C ARG B 53 -2.67 6.40 -26.01
N SER B 54 -3.88 6.19 -25.49
CA SER B 54 -4.38 7.00 -24.38
C SER B 54 -3.59 6.79 -23.10
N ILE B 55 -3.09 5.58 -22.89
CA ILE B 55 -2.29 5.29 -21.71
C ILE B 55 -0.93 5.98 -21.80
N ILE B 56 -0.32 5.94 -22.98
CA ILE B 56 0.98 6.56 -23.14
C ILE B 56 0.89 8.06 -22.87
N HIS B 57 -0.11 8.72 -23.46
CA HIS B 57 -0.23 10.17 -23.26
C HIS B 57 -0.44 10.52 -21.79
N LEU B 58 -1.36 9.81 -21.15
CA LEU B 58 -1.68 10.00 -19.74
C LEU B 58 -0.44 9.92 -18.83
N LEU B 59 0.30 8.82 -18.92
CA LEU B 59 1.55 8.68 -18.20
C LEU B 59 2.54 9.80 -18.52
N LEU B 60 2.78 10.04 -19.81
CA LEU B 60 3.69 11.10 -20.23
C LEU B 60 3.36 12.45 -19.61
N TRP B 61 2.06 12.72 -19.49
CA TRP B 61 1.57 13.97 -18.92
C TRP B 61 1.79 14.00 -17.41
N PHE B 62 1.46 12.90 -16.74
CA PHE B 62 1.81 12.75 -15.33
C PHE B 62 3.28 13.12 -15.08
N LEU B 63 4.20 12.63 -15.91
CA LEU B 63 5.63 12.86 -15.66
C LEU B 63 6.08 14.31 -15.82
N GLN B 64 5.35 15.09 -16.62
CA GLN B 64 5.64 16.52 -16.72
C GLN B 64 5.15 17.23 -15.47
N GLY B 65 4.26 16.58 -14.74
CA GLY B 65 3.72 17.16 -13.52
C GLY B 65 2.95 18.40 -13.88
N ASP B 66 2.20 18.29 -14.97
CA ASP B 66 1.37 19.40 -15.40
C ASP B 66 -0.02 19.29 -14.80
N THR B 67 -0.62 20.43 -14.46
CA THR B 67 -1.93 20.39 -13.80
C THR B 67 -3.07 20.67 -14.77
N ASN B 68 -2.80 21.44 -15.82
CA ASN B 68 -3.84 21.74 -16.79
C ASN B 68 -3.92 20.71 -17.93
N ILE B 69 -5.11 20.13 -18.10
CA ILE B 69 -5.34 19.08 -19.08
C ILE B 69 -5.29 19.53 -20.53
N ALA B 70 -4.44 20.52 -20.82
CA ALA B 70 -4.28 21.02 -22.17
C ALA B 70 -3.76 19.93 -23.12
N TYR B 71 -2.62 19.35 -22.77
CA TYR B 71 -1.99 18.29 -23.55
C TYR B 71 -2.89 17.05 -23.72
N LEU B 72 -3.74 16.78 -22.73
CA LEU B 72 -4.59 15.60 -22.76
C LEU B 72 -5.80 15.72 -23.66
N HIS B 73 -5.96 16.85 -24.34
CA HIS B 73 -7.08 16.98 -25.26
C HIS B 73 -6.54 17.09 -26.68
N GLU B 74 -5.39 17.75 -26.81
CA GLU B 74 -4.70 17.84 -28.09
C GLU B 74 -4.28 16.46 -28.58
N ASN B 75 -4.18 15.52 -27.64
CA ASN B 75 -3.90 14.13 -27.96
C ASN B 75 -5.07 13.26 -27.51
N ASN B 76 -6.26 13.87 -27.49
CA ASN B 76 -7.54 13.17 -27.41
C ASN B 76 -7.69 12.19 -26.25
N VAL B 77 -7.30 12.59 -25.04
CA VAL B 77 -7.48 11.69 -23.91
C VAL B 77 -8.59 12.18 -22.98
N THR B 78 -9.75 11.56 -23.14
CA THR B 78 -10.97 11.94 -22.44
C THR B 78 -10.83 11.78 -20.94
N ILE B 79 -10.74 10.52 -20.52
CA ILE B 79 -10.61 10.09 -19.12
C ILE B 79 -9.89 11.10 -18.21
N LEU B 80 -10.36 11.21 -16.96
CA LEU B 80 -10.02 12.30 -16.03
C LEU B 80 -10.81 13.59 -16.34
N ASP B 81 -11.59 13.55 -17.42
CA ASP B 81 -12.43 14.70 -17.81
C ASP B 81 -13.40 15.10 -16.70
N GLU B 82 -14.12 14.10 -16.18
CA GLU B 82 -15.15 14.32 -15.17
C GLU B 82 -14.58 14.79 -13.83
N TRP B 83 -13.26 14.82 -13.71
CA TRP B 83 -12.61 15.31 -12.52
C TRP B 83 -12.09 16.73 -12.73
N ALA B 84 -12.33 17.27 -13.94
CA ALA B 84 -11.91 18.62 -14.28
C ALA B 84 -13.11 19.55 -14.47
N ASP B 85 -12.84 20.78 -14.89
CA ASP B 85 -13.89 21.78 -15.10
C ASP B 85 -14.83 21.42 -16.26
N ASP B 89 -8.97 21.49 -15.98
CA ASP B 89 -7.99 21.61 -14.90
C ASP B 89 -8.38 20.86 -13.60
N LEU B 90 -7.40 20.40 -12.85
CA LEU B 90 -7.66 19.66 -11.60
C LEU B 90 -6.97 20.27 -10.36
N HIS B 94 -2.79 16.81 -10.23
CA HIS B 94 -2.62 15.36 -10.44
C HIS B 94 -1.30 15.00 -11.13
N GLY B 95 -0.25 14.72 -10.36
CA GLY B 95 1.08 14.56 -10.93
C GLY B 95 1.98 15.72 -10.59
N LYS B 96 1.41 16.82 -10.11
CA LYS B 96 2.20 17.95 -9.64
C LYS B 96 2.98 17.59 -8.38
N GLN B 97 2.48 16.63 -7.62
CA GLN B 97 3.11 16.22 -6.37
C GLN B 97 4.30 15.27 -6.60
N TRP B 98 4.23 14.45 -7.65
CA TRP B 98 5.38 13.70 -8.15
C TRP B 98 6.61 14.56 -8.39
N ARG B 99 6.38 15.74 -8.99
CA ARG B 99 7.46 16.59 -9.47
C ARG B 99 7.73 17.79 -8.58
N ALA B 100 6.75 18.16 -7.76
CA ALA B 100 6.85 19.39 -6.97
C ALA B 100 6.08 19.34 -5.66
N TRP B 101 6.52 18.49 -4.74
CA TRP B 101 5.96 18.48 -3.39
C TRP B 101 6.59 19.65 -2.61
N PRO B 102 5.77 20.64 -2.20
CA PRO B 102 6.25 21.86 -1.51
C PRO B 102 6.78 21.62 -0.08
N THR B 103 7.97 22.12 0.22
CA THR B 103 8.57 22.00 1.54
C THR B 103 8.12 23.15 2.44
N PRO B 104 8.27 22.98 3.78
CA PRO B 104 8.04 24.08 4.73
C PRO B 104 8.80 25.32 4.32
N ASP B 105 10.07 25.08 4.00
CA ASP B 105 10.97 26.06 3.42
C ASP B 105 10.51 26.63 2.07
N GLY B 106 9.54 25.98 1.42
CA GLY B 106 9.00 26.52 0.19
C GLY B 106 9.84 26.27 -1.06
N ARG B 107 10.78 25.33 -0.95
CA ARG B 107 11.35 24.71 -2.14
C ARG B 107 10.38 23.62 -2.55
N HIS B 108 10.77 22.82 -3.53
CA HIS B 108 9.95 21.71 -3.93
C HIS B 108 10.78 20.44 -4.06
N ILE B 109 10.11 19.30 -3.96
CA ILE B 109 10.80 18.04 -4.07
C ILE B 109 10.36 17.28 -5.30
N ASP B 110 11.34 17.04 -6.16
CA ASP B 110 11.17 16.20 -7.32
C ASP B 110 11.35 14.76 -6.88
N GLN B 111 10.25 14.06 -6.64
CA GLN B 111 10.31 12.65 -6.26
C GLN B 111 10.75 11.77 -7.41
N ILE B 112 10.42 12.12 -8.64
CA ILE B 112 10.74 11.25 -9.76
C ILE B 112 12.25 11.22 -9.96
N THR B 113 12.86 12.41 -9.91
CA THR B 113 14.29 12.48 -9.91
C THR B 113 14.90 11.73 -8.72
N THR B 114 14.30 11.90 -7.55
CA THR B 114 14.80 11.20 -6.37
C THR B 114 14.85 9.67 -6.58
N VAL B 115 13.76 9.07 -7.05
CA VAL B 115 13.76 7.61 -7.19
C VAL B 115 14.65 7.17 -8.33
N LEU B 116 14.83 8.04 -9.31
CA LEU B 116 15.73 7.78 -10.42
C LEU B 116 17.19 7.64 -9.97
N ASN B 117 17.69 8.63 -9.23
CA ASN B 117 19.01 8.53 -8.60
C ASN B 117 19.14 7.31 -7.67
N GLN B 118 18.08 7.00 -6.92
CA GLN B 118 18.14 5.89 -5.99
C GLN B 118 18.32 4.61 -6.78
N LEU B 119 17.56 4.45 -7.87
CA LEU B 119 17.66 3.22 -8.67
C LEU B 119 19.04 3.08 -9.32
N LYS B 120 19.67 4.21 -9.63
CA LYS B 120 20.99 4.19 -10.24
C LYS B 120 22.12 4.03 -9.22
N ASN B 121 21.96 4.54 -8.00
CA ASN B 121 23.06 4.61 -7.05
C ASN B 121 22.87 3.76 -5.81
N ASP B 122 21.64 3.35 -5.56
CA ASP B 122 21.34 2.59 -4.36
C ASP B 122 20.10 1.71 -4.56
N PRO B 123 20.17 0.77 -5.52
CA PRO B 123 18.99 -0.03 -5.89
C PRO B 123 18.47 -0.93 -4.78
N ASP B 124 19.30 -1.14 -3.76
CA ASP B 124 18.92 -1.96 -2.63
C ASP B 124 17.88 -1.28 -1.73
N SER B 125 17.82 0.05 -1.82
CA SER B 125 16.99 0.87 -0.93
C SER B 125 15.56 0.35 -0.72
N ARG B 126 15.13 0.37 0.54
CA ARG B 126 13.78 -0.04 0.88
C ARG B 126 12.80 1.14 0.92
N ARG B 127 13.24 2.32 0.50
CA ARG B 127 12.33 3.46 0.45
C ARG B 127 12.38 4.18 -0.90
N ILE B 128 12.23 3.44 -1.99
CA ILE B 128 12.19 4.06 -3.30
C ILE B 128 10.74 4.32 -3.65
N ILE B 129 10.24 5.46 -3.19
CA ILE B 129 8.81 5.70 -3.11
C ILE B 129 8.39 7.03 -3.72
N VAL B 130 7.34 7.01 -4.53
CA VAL B 130 6.71 8.25 -4.95
C VAL B 130 5.33 8.33 -4.30
N SER B 131 5.04 9.45 -3.66
CA SER B 131 3.72 9.62 -3.09
C SER B 131 3.00 10.84 -3.63
N ALA B 132 1.72 10.67 -3.95
CA ALA B 132 0.85 11.76 -4.35
C ALA B 132 -0.08 12.16 -3.19
N TRP B 133 0.00 11.44 -2.07
CA TRP B 133 -0.88 11.72 -0.94
C TRP B 133 -0.34 12.79 -0.02
N ASN B 134 -0.35 14.04 -0.49
CA ASN B 134 0.06 15.17 0.35
C ASN B 134 -1.11 15.64 1.24
N VAL B 135 -1.13 15.12 2.46
CA VAL B 135 -2.24 15.31 3.38
C VAL B 135 -2.54 16.77 3.59
N GLY B 136 -1.49 17.58 3.62
CA GLY B 136 -1.60 19.03 3.84
C GLY B 136 -2.30 19.79 2.72
N GLU B 137 -2.27 19.26 1.50
CA GLU B 137 -2.98 19.89 0.38
C GLU B 137 -4.34 19.25 0.12
N LEU B 138 -4.50 18.00 0.59
CA LEU B 138 -5.74 17.26 0.42
C LEU B 138 -6.80 17.55 1.48
N ASP B 139 -6.50 18.46 2.41
CA ASP B 139 -7.53 18.90 3.35
C ASP B 139 -8.63 19.60 2.54
N LYS B 140 -8.22 20.29 1.48
CA LYS B 140 -9.12 20.70 0.42
C LYS B 140 -9.74 19.41 -0.12
N MSE B 141 -10.95 19.11 0.34
CA MSE B 141 -11.60 17.84 0.03
C MSE B 141 -11.84 17.70 -1.45
O MSE B 141 -11.01 17.14 -2.16
CB MSE B 141 -12.95 17.75 0.76
CG MSE B 141 -12.85 17.35 2.20
SE MSE B 141 -14.63 17.13 2.93
CE MSE B 141 -15.44 16.07 1.50
N ALA B 142 -12.98 18.22 -1.90
CA ALA B 142 -13.42 18.16 -3.28
C ALA B 142 -12.93 16.88 -3.97
N ASN B 143 -11.71 16.93 -4.48
CA ASN B 143 -11.09 15.76 -5.11
C ASN B 143 -9.77 15.34 -4.48
N ALA B 144 -9.39 14.10 -4.73
CA ALA B 144 -8.18 13.53 -4.17
C ALA B 144 -7.70 12.48 -5.15
N PRO B 145 -6.38 12.35 -5.32
CA PRO B 145 -5.85 11.37 -6.27
C PRO B 145 -6.23 9.99 -5.80
N SER B 146 -6.51 9.10 -6.74
CA SER B 146 -7.02 7.78 -6.39
C SER B 146 -5.92 6.74 -6.37
N HIS B 147 -4.77 7.10 -6.93
CA HIS B 147 -3.63 6.20 -6.93
C HIS B 147 -2.58 6.88 -6.08
N ALA B 148 -2.69 6.62 -4.78
CA ALA B 148 -2.03 7.40 -3.76
C ALA B 148 -0.50 7.38 -3.85
N PHE B 149 0.07 6.20 -4.08
CA PHE B 149 1.53 6.05 -4.02
C PHE B 149 2.06 4.80 -4.69
N PHE B 150 3.35 4.80 -5.00
CA PHE B 150 3.96 3.57 -5.49
C PHE B 150 5.41 3.37 -5.03
N GLN B 151 5.85 2.12 -5.02
CA GLN B 151 7.16 1.77 -4.51
C GLN B 151 7.89 0.91 -5.52
N PHE B 152 9.14 1.27 -5.81
CA PHE B 152 9.97 0.44 -6.67
C PHE B 152 10.86 -0.39 -5.81
N TYR B 153 11.48 -1.38 -6.44
CA TYR B 153 12.16 -2.45 -5.75
C TYR B 153 13.09 -3.08 -6.78
N VAL B 154 14.37 -3.20 -6.43
CA VAL B 154 15.30 -3.88 -7.34
C VAL B 154 15.95 -5.08 -6.67
N ALA B 155 15.91 -6.22 -7.32
CA ALA B 155 16.62 -7.40 -6.85
C ALA B 155 17.10 -8.18 -8.05
N ASP B 156 18.37 -8.57 -8.02
CA ASP B 156 19.00 -9.33 -9.09
C ASP B 156 18.90 -8.61 -10.42
N GLY B 157 19.23 -7.32 -10.42
CA GLY B 157 19.08 -6.51 -11.59
C GLY B 157 17.69 -6.46 -12.22
N LYS B 158 16.65 -6.75 -11.42
CA LYS B 158 15.26 -6.64 -11.93
C LYS B 158 14.42 -5.62 -11.18
N LEU B 159 13.77 -4.76 -11.94
CA LEU B 159 13.02 -3.66 -11.37
C LEU B 159 11.55 -4.00 -11.26
N SER B 160 11.04 -4.10 -10.03
CA SER B 160 9.60 -4.25 -9.83
C SER B 160 9.02 -2.97 -9.31
N CYS B 161 7.70 -2.91 -9.29
CA CYS B 161 6.98 -1.78 -8.75
C CYS B 161 5.61 -2.20 -8.20
N GLN B 162 5.19 -1.52 -7.14
CA GLN B 162 3.89 -1.77 -6.55
C GLN B 162 3.15 -0.46 -6.52
N LEU B 163 1.92 -0.48 -7.06
CA LEU B 163 1.05 0.68 -7.09
C LEU B 163 -0.12 0.48 -6.13
N TYR B 164 -0.39 1.48 -5.29
CA TYR B 164 -1.53 1.40 -4.37
C TYR B 164 -2.68 2.32 -4.76
N ALA B 165 -3.84 1.72 -5.03
CA ALA B 165 -5.05 2.47 -5.36
C ALA B 165 -5.97 2.42 -4.19
N ARG B 166 -6.28 3.58 -3.62
CA ARG B 166 -7.18 3.65 -2.47
C ARG B 166 -8.63 3.43 -2.91
N SER B 167 -8.88 3.67 -4.18
CA SER B 167 -10.21 3.54 -4.77
C SER B 167 -10.03 3.08 -6.20
N GLU B 168 -10.70 2.01 -6.58
CA GLU B 168 -10.49 1.50 -7.94
C GLU B 168 -11.79 1.02 -8.57
N ASP B 169 -12.12 1.63 -9.70
CA ASP B 169 -13.16 1.13 -10.60
C ASP B 169 -12.56 0.02 -11.43
N VAL B 170 -13.00 -1.22 -11.17
CA VAL B 170 -12.46 -2.38 -11.86
C VAL B 170 -12.70 -2.38 -13.37
N PHE B 171 -13.84 -1.88 -13.79
CA PHE B 171 -14.16 -1.90 -15.20
C PHE B 171 -13.44 -0.81 -16.00
N LEU B 172 -13.42 0.41 -15.47
CA LEU B 172 -12.98 1.58 -16.23
C LEU B 172 -11.52 1.95 -15.99
N SER B 173 -11.13 1.94 -14.73
CA SER B 173 -9.92 2.59 -14.25
C SER B 173 -8.75 1.62 -14.15
N LEU B 174 -9.04 0.41 -13.67
CA LEU B 174 -8.01 -0.58 -13.39
C LEU B 174 -7.16 -0.99 -14.61
N PRO B 175 -7.79 -1.33 -15.75
CA PRO B 175 -7.00 -1.68 -16.93
C PRO B 175 -6.04 -0.57 -17.33
N PHE B 176 -6.49 0.67 -17.25
CA PHE B 176 -5.62 1.82 -17.41
C PHE B 176 -4.44 1.81 -16.41
N ALA B 177 -4.76 1.55 -15.14
CA ALA B 177 -3.77 1.61 -14.06
C ALA B 177 -2.65 0.60 -14.27
N ILE B 178 -3.04 -0.63 -14.59
CA ILE B 178 -2.07 -1.70 -14.83
C ILE B 178 -1.14 -1.39 -16.00
N ALA B 179 -1.72 -0.97 -17.14
CA ALA B 179 -0.91 -0.63 -18.31
C ALA B 179 0.06 0.53 -18.01
N SER B 180 -0.42 1.56 -17.32
CA SER B 180 0.41 2.71 -17.02
C SER B 180 1.59 2.34 -16.15
N GLY B 181 1.34 1.56 -15.11
CA GLY B 181 2.39 1.16 -14.19
C GLY B 181 3.44 0.28 -14.85
N ALA B 182 3.00 -0.60 -15.73
CA ALA B 182 3.93 -1.50 -16.38
C ALA B 182 4.78 -0.69 -17.32
N LEU B 183 4.14 0.27 -17.98
CA LEU B 183 4.83 1.10 -18.92
C LEU B 183 5.90 1.93 -18.21
N LEU B 184 5.61 2.35 -16.98
CA LEU B 184 6.57 3.13 -16.22
C LEU B 184 7.76 2.27 -15.79
N VAL B 185 7.48 1.04 -15.40
CA VAL B 185 8.55 0.12 -15.08
C VAL B 185 9.48 -0.11 -16.26
N HIS B 186 8.92 -0.32 -17.46
CA HIS B 186 9.76 -0.44 -18.66
C HIS B 186 10.64 0.77 -18.87
N MSE B 187 10.06 1.96 -18.79
CA MSE B 187 10.83 3.20 -19.00
C MSE B 187 11.96 3.40 -17.98
O MSE B 187 13.00 3.93 -18.29
CB MSE B 187 9.91 4.41 -18.96
CG MSE B 187 8.78 4.40 -19.97
SE MSE B 187 7.39 5.80 -19.64
CE MSE B 187 8.51 7.39 -19.70
N MSE B 188 11.74 3.01 -16.74
CA MSE B 188 12.76 3.27 -15.75
C MSE B 188 13.81 2.18 -15.83
O MSE B 188 15.00 2.44 -15.59
CB MSE B 188 12.14 3.30 -14.36
CG MSE B 188 11.03 4.29 -14.29
SE MSE B 188 10.94 5.20 -12.59
CE MSE B 188 12.44 6.35 -12.83
N ALA B 189 13.36 0.98 -16.16
CA ALA B 189 14.27 -0.13 -16.36
C ALA B 189 15.26 0.28 -17.45
N GLN B 190 14.77 1.02 -18.44
CA GLN B 190 15.59 1.47 -19.55
C GLN B 190 16.53 2.60 -19.13
N GLN B 191 16.01 3.56 -18.39
CA GLN B 191 16.84 4.68 -17.94
C GLN B 191 17.90 4.26 -16.90
N CYS B 192 17.66 3.17 -16.17
CA CYS B 192 18.59 2.73 -15.13
C CYS B 192 19.39 1.48 -15.51
N ASP B 193 19.14 0.99 -16.72
CA ASP B 193 19.80 -0.19 -17.27
C ASP B 193 19.57 -1.43 -16.42
N LEU B 194 18.30 -1.76 -16.25
CA LEU B 194 17.84 -2.89 -15.46
C LEU B 194 16.85 -3.72 -16.28
N GLU B 195 16.73 -4.99 -15.96
CA GLU B 195 15.70 -5.80 -16.60
C GLU B 195 14.40 -5.52 -15.86
N VAL B 196 13.26 -5.82 -16.48
CA VAL B 196 11.95 -5.62 -15.85
C VAL B 196 11.58 -6.82 -14.98
N GLY B 197 11.07 -6.55 -13.78
CA GLY B 197 10.61 -7.59 -12.91
C GLY B 197 9.09 -7.73 -12.97
N ASP B 198 8.46 -7.47 -11.84
CA ASP B 198 7.03 -7.60 -11.69
C ASP B 198 6.35 -6.26 -11.51
N PHE B 199 5.10 -6.19 -11.94
CA PHE B 199 4.26 -5.08 -11.56
C PHE B 199 3.15 -5.61 -10.68
N VAL B 200 3.04 -5.03 -9.48
CA VAL B 200 2.08 -5.51 -8.51
C VAL B 200 1.04 -4.43 -8.29
N MSE B 201 -0.22 -4.81 -8.40
CA MSE B 201 -1.33 -3.89 -8.29
C MSE B 201 -2.06 -4.17 -7.00
O MSE B 201 -2.58 -5.27 -6.77
CB MSE B 201 -2.29 -4.11 -9.46
CG MSE B 201 -3.44 -3.08 -9.55
SE MSE B 201 -2.77 -1.30 -10.04
CE MSE B 201 -3.50 -0.23 -8.57
N THR B 202 -2.10 -3.17 -6.12
CA THR B 202 -2.76 -3.36 -4.83
C THR B 202 -3.88 -2.36 -4.67
N GLY B 203 -5.03 -2.85 -4.23
CA GLY B 203 -6.20 -2.00 -4.11
C GLY B 203 -6.74 -1.88 -2.70
N GLY B 204 -7.36 -0.71 -2.42
CA GLY B 204 -8.20 -0.48 -1.25
C GLY B 204 -9.65 -0.73 -1.65
N ASP B 205 -10.49 0.30 -1.69
CA ASP B 205 -11.89 0.15 -2.13
C ASP B 205 -11.97 -0.20 -3.61
N THR B 206 -12.34 -1.44 -3.90
CA THR B 206 -12.29 -1.99 -5.26
C THR B 206 -13.73 -2.29 -5.64
N HIS B 207 -14.25 -1.55 -6.60
CA HIS B 207 -15.68 -1.63 -6.84
C HIS B 207 -16.06 -1.72 -8.30
N LEU B 208 -17.29 -2.14 -8.53
CA LEU B 208 -17.92 -2.08 -9.86
C LEU B 208 -19.22 -1.31 -9.75
N TYR B 209 -19.48 -0.41 -10.69
CA TYR B 209 -20.72 0.35 -10.66
C TYR B 209 -21.86 -0.50 -11.16
N SER B 210 -23.03 -0.32 -10.54
CA SER B 210 -24.22 -1.08 -10.93
C SER B 210 -24.63 -0.78 -12.38
N ASN B 211 -24.25 0.39 -12.89
CA ASN B 211 -24.60 0.71 -14.27
C ASN B 211 -23.57 0.16 -15.27
N HIS B 212 -22.70 -0.72 -14.78
CA HIS B 212 -21.72 -1.39 -15.64
C HIS B 212 -21.91 -2.90 -15.70
N MSE B 213 -23.01 -3.37 -15.14
CA MSE B 213 -23.29 -4.81 -15.12
C MSE B 213 -23.25 -5.47 -16.49
O MSE B 213 -22.55 -6.46 -16.69
CB MSE B 213 -24.62 -5.07 -14.43
CG MSE B 213 -24.58 -4.80 -12.93
SE MSE B 213 -23.13 -5.83 -12.08
CE MSE B 213 -21.94 -4.38 -11.56
N ASP B 214 -24.00 -4.92 -17.43
CA ASP B 214 -24.08 -5.49 -18.78
C ASP B 214 -22.68 -5.66 -19.37
N GLN B 215 -21.88 -4.62 -19.28
CA GLN B 215 -20.52 -4.66 -19.79
C GLN B 215 -19.70 -5.70 -19.01
N THR B 216 -19.95 -5.81 -17.71
CA THR B 216 -19.21 -6.74 -16.87
C THR B 216 -19.48 -8.20 -17.24
N HIS B 217 -20.75 -8.53 -17.42
CA HIS B 217 -21.11 -9.88 -17.83
C HIS B 217 -20.56 -10.21 -19.21
N LEU B 218 -20.65 -9.25 -20.12
CA LEU B 218 -20.02 -9.41 -21.43
C LEU B 218 -18.54 -9.74 -21.33
N GLN B 219 -17.81 -9.05 -20.47
CA GLN B 219 -16.38 -9.25 -20.45
C GLN B 219 -16.00 -10.58 -19.78
N LEU B 220 -16.77 -10.99 -18.78
CA LEU B 220 -16.53 -12.24 -18.07
C LEU B 220 -16.82 -13.44 -18.96
N SER B 221 -17.57 -13.23 -20.03
CA SER B 221 -17.88 -14.30 -20.96
C SER B 221 -16.79 -14.50 -22.03
N ARG B 222 -15.70 -13.75 -21.95
CA ARG B 222 -14.66 -13.89 -22.95
C ARG B 222 -13.41 -14.51 -22.36
N GLU B 223 -12.79 -15.40 -23.11
CA GLU B 223 -11.53 -15.97 -22.66
C GLU B 223 -10.38 -15.06 -23.03
N PRO B 224 -9.38 -14.91 -22.14
CA PRO B 224 -8.18 -14.13 -22.38
C PRO B 224 -7.38 -14.63 -23.59
N ARG B 225 -6.54 -13.76 -24.13
CA ARG B 225 -5.64 -14.09 -25.23
C ARG B 225 -4.20 -13.79 -24.81
N PRO B 226 -3.22 -14.31 -25.57
CA PRO B 226 -1.82 -14.06 -25.22
C PRO B 226 -1.51 -12.57 -25.11
N LEU B 227 -0.78 -12.19 -24.06
CA LEU B 227 -0.38 -10.80 -23.85
C LEU B 227 0.58 -10.29 -24.93
N PRO B 228 0.43 -9.02 -25.30
CA PRO B 228 1.33 -8.47 -26.30
C PRO B 228 2.72 -8.21 -25.73
N LYS B 229 3.55 -7.57 -26.54
CA LYS B 229 4.95 -7.32 -26.27
C LYS B 229 5.16 -5.81 -26.44
N LEU B 230 5.75 -5.15 -25.45
CA LEU B 230 5.99 -3.71 -25.57
C LEU B 230 7.31 -3.44 -26.24
N ILE B 231 7.30 -2.61 -27.27
CA ILE B 231 8.52 -2.24 -27.97
C ILE B 231 8.89 -0.81 -27.64
N ILE B 232 10.13 -0.58 -27.24
CA ILE B 232 10.60 0.81 -27.11
C ILE B 232 11.64 1.17 -28.18
N LYS B 233 11.21 1.96 -29.14
CA LYS B 233 12.01 2.24 -30.33
C LYS B 233 13.31 2.99 -30.04
N ARG B 234 13.33 3.76 -28.96
CA ARG B 234 14.44 4.68 -28.74
C ARG B 234 14.77 4.83 -27.24
N LYS B 235 16.05 5.07 -26.93
CA LYS B 235 16.45 5.40 -25.56
C LYS B 235 16.74 6.90 -25.36
N PRO B 236 15.78 7.63 -24.78
CA PRO B 236 16.04 9.05 -24.51
C PRO B 236 17.09 9.23 -23.42
N GLU B 237 17.49 10.48 -23.22
CA GLU B 237 18.51 10.80 -22.24
C GLU B 237 17.96 10.87 -20.82
N SER B 238 16.65 10.98 -20.69
CA SER B 238 16.04 11.11 -19.38
C SER B 238 14.63 10.54 -19.38
N ILE B 239 14.11 10.27 -18.20
CA ILE B 239 12.74 9.76 -18.01
C ILE B 239 11.67 10.79 -18.41
N PHE B 240 12.09 12.05 -18.50
CA PHE B 240 11.18 13.11 -18.92
C PHE B 240 11.28 13.38 -20.42
N ASP B 241 11.99 12.52 -21.14
CA ASP B 241 12.33 12.82 -22.53
C ASP B 241 11.70 11.85 -23.53
N TYR B 242 10.75 11.05 -23.05
CA TYR B 242 10.03 10.13 -23.92
C TYR B 242 8.94 10.87 -24.65
N ARG B 243 8.66 10.44 -25.87
CA ARG B 243 7.54 11.01 -26.62
C ARG B 243 6.63 9.88 -27.00
N PHE B 244 5.40 10.22 -27.36
CA PHE B 244 4.40 9.21 -27.70
C PHE B 244 4.87 8.17 -28.74
N GLU B 245 5.64 8.64 -29.74
CA GLU B 245 6.04 7.80 -30.86
C GLU B 245 7.19 6.82 -30.60
N ASP B 246 7.70 6.78 -29.37
CA ASP B 246 8.79 5.89 -29.00
C ASP B 246 8.32 4.47 -28.72
N PHE B 247 7.02 4.30 -28.57
CA PHE B 247 6.49 3.01 -28.12
C PHE B 247 5.66 2.32 -29.20
N GLU B 248 5.80 1.00 -29.28
CA GLU B 248 4.91 0.21 -30.11
C GLU B 248 4.44 -1.00 -29.32
N ILE B 249 3.32 -1.56 -29.75
CA ILE B 249 2.80 -2.79 -29.19
C ILE B 249 2.76 -3.85 -30.32
N GLU B 250 3.17 -5.08 -30.03
CA GLU B 250 3.13 -6.15 -31.03
C GLU B 250 2.31 -7.33 -30.53
N GLY B 251 1.64 -8.01 -31.44
CA GLY B 251 0.89 -9.20 -31.08
C GLY B 251 -0.20 -8.89 -30.08
N TYR B 252 -0.93 -7.82 -30.35
CA TYR B 252 -2.07 -7.42 -29.53
C TYR B 252 -3.34 -7.76 -30.27
N ASP B 253 -4.09 -8.71 -29.76
CA ASP B 253 -5.19 -9.24 -30.53
C ASP B 253 -6.41 -9.41 -29.65
N PRO B 254 -7.01 -8.29 -29.23
CA PRO B 254 -8.07 -8.32 -28.22
C PRO B 254 -9.44 -8.61 -28.81
N HIS B 255 -10.39 -8.88 -27.94
CA HIS B 255 -11.80 -8.95 -28.31
C HIS B 255 -12.22 -7.50 -28.59
N PRO B 256 -13.39 -7.33 -29.20
CA PRO B 256 -13.84 -5.95 -29.42
C PRO B 256 -13.96 -5.16 -28.13
N GLY B 257 -13.69 -3.87 -28.24
CA GLY B 257 -13.84 -2.97 -27.10
C GLY B 257 -15.28 -2.87 -26.63
N ILE B 258 -15.44 -2.51 -25.36
CA ILE B 258 -16.75 -2.36 -24.76
C ILE B 258 -16.85 -0.93 -24.28
N LYS B 259 -17.80 -0.18 -24.82
CA LYS B 259 -18.02 1.19 -24.34
C LYS B 259 -18.93 1.15 -23.10
N ALA B 260 -18.57 1.93 -22.08
CA ALA B 260 -19.45 2.07 -20.92
C ALA B 260 -20.24 3.37 -21.04
N PRO B 261 -21.50 3.37 -20.60
CA PRO B 261 -22.32 4.57 -20.70
C PRO B 261 -21.83 5.66 -19.75
C1B LMU C . 13.52 0.18 7.69
C2B LMU C . 14.69 -0.34 6.93
C3B LMU C . 15.91 -0.07 7.70
C4B LMU C . 16.09 1.38 7.91
C5B LMU C . 14.86 2.08 8.44
C6B LMU C . 14.92 3.53 8.12
O1B LMU C . 13.53 -0.39 8.96
O2B LMU C . 14.55 -1.75 6.74
O3B LMU C . 17.04 -0.69 7.08
O4' LMU C . 17.23 1.62 8.72
O5B LMU C . 13.61 1.63 7.85
O6B LMU C . 14.88 4.36 9.19
C1' LMU C . 10.10 -1.52 11.03
C2' LMU C . 10.74 -2.42 9.99
C3' LMU C . 12.08 -2.03 9.58
C4' LMU C . 12.21 -0.60 9.43
C5' LMU C . 12.03 0.09 10.78
C6' LMU C . 12.06 1.56 10.72
O1' LMU C . 9.68 -2.30 12.06
O2' LMU C . 10.80 -3.72 10.50
O3' LMU C . 12.42 -2.68 8.35
O5' LMU C . 10.87 -0.40 11.52
O6' LMU C . 10.92 2.18 10.26
C1 LMU C . 9.60 -1.78 13.35
C2 LMU C . 8.21 -1.60 13.91
C3 LMU C . 7.48 -2.87 14.43
C4 LMU C . 5.94 -2.76 14.46
C5 LMU C . 5.33 -1.50 13.84
C6 LMU C . 4.00 -1.04 14.46
C7 LMU C . 3.12 -0.06 13.65
C8 LMU C . 1.75 -0.55 13.28
C9 LMU C . 0.78 0.55 12.81
C10 LMU C . -0.46 0.78 13.66
C11 LMU C . -1.69 1.22 12.93
C12 LMU C . -2.41 0.26 12.05
C1 PEG D . 7.62 1.61 12.25
O1 PEG D . 7.71 1.23 10.89
C2 PEG D . 7.35 3.11 12.39
O2 PEG D . 6.12 3.49 11.72
C3 PEG D . 5.82 4.88 12.04
C4 PEG D . 4.58 5.43 11.32
O4 PEG D . 3.40 4.68 11.65
C1B LMU E . -12.20 8.69 -6.49
C2B LMU E . -13.47 8.28 -5.81
C3B LMU E . -14.52 9.28 -6.00
C4B LMU E . -14.10 10.68 -5.82
C5B LMU E . -12.71 11.03 -6.34
C6B LMU E . -12.20 12.35 -5.83
O1B LMU E . -12.40 8.72 -7.85
O2B LMU E . -13.90 6.99 -6.31
O3B LMU E . -15.60 9.00 -5.09
O4' LMU E . -15.08 11.50 -6.43
O5B LMU E . -11.74 10.01 -6.04
O6B LMU E . -11.52 12.40 -4.64
C1' LMU E . -9.62 7.08 -10.50
C2' LMU E . -10.66 6.16 -9.86
C3' LMU E . -11.72 6.87 -9.13
C4' LMU E . -11.29 8.12 -8.52
C5' LMU E . -10.72 9.11 -9.50
C6' LMU E . -9.95 10.17 -8.82
O1' LMU E . -9.22 6.61 -11.72
O2' LMU E . -11.25 5.32 -10.82
O3' LMU E . -12.29 6.00 -8.14
O5' LMU E . -9.98 8.49 -10.62
O6' LMU E . -8.56 10.10 -8.78
C1 LMU E . -9.26 7.49 -12.83
C2 LMU E . -8.56 7.04 -14.09
C3 LMU E . -7.27 6.19 -13.90
C4 LMU E . -5.93 6.73 -14.46
C5 LMU E . -4.69 6.61 -13.55
C6 LMU E . -3.66 5.52 -13.91
C7 LMU E . -2.51 5.27 -12.93
C8 LMU E . -1.66 6.45 -12.48
C9 LMU E . -0.23 6.14 -12.02
C10 LMU E . 0.54 5.08 -12.79
C11 LMU E . 2.04 5.02 -12.63
C12 LMU E . 2.61 4.32 -11.45
#